data_4PAX
#
_entry.id   4PAX
#
_cell.length_a   59.160
_cell.length_b   64.550
_cell.length_c   96.310
_cell.angle_alpha   90.00
_cell.angle_beta   90.00
_cell.angle_gamma   90.00
#
_symmetry.space_group_name_H-M   'P 21 21 21'
#
loop_
_entity.id
_entity.type
_entity.pdbx_description
1 polymer 'POLY(ADP-RIBOSE) POLYMERASE'
2 non-polymer 8-HYDROXY-2-METHYL-3-HYDRO-QUINAZOLIN-4-ONE
3 water water
#
_entity_poly.entity_id   1
_entity_poly.type   'polypeptide(L)'
_entity_poly.pdbx_seq_one_letter_code
;ALTVSAGTKSKLAKPIQDLIKMIFDVESMKKAMVEFEIDLQKMPLGKLSKRQIQSAYSILNEVQQAVSDGGSESQILDLS
NRFYTLIPHDFGMKKPPLLSNLEYIQAKVQMLDNLLDIEVAYSLLRGGNEDGDKDPIDINYEKLRTDIKVVDKDSEEAKI
IKQYVKNTHAATHNAYDLKVVEIFRIEREGESQRYKPFKQLHNRQLLWHGSRTTNFAGILSQGLRIAPPEAPVTGYMFGK
GIYFADMVSKSANYCHTSQADPIGLILLGEVALGNMYELKNASHITKLPKGKHSVKGLGKTAPDPTATTTLDGVEVPLGN
GISTGINDTCLLYNEYIVYDVAQVNLKYLLKLKFNYKTSLW
;
_entity_poly.pdbx_strand_id   A
#
# COMPACT_ATOMS: atom_id res chain seq x y z
N LYS A 9 -8.07 19.15 -25.82
CA LYS A 9 -7.39 17.86 -25.52
C LYS A 9 -6.23 17.96 -24.54
N SER A 10 -5.81 16.78 -24.07
CA SER A 10 -4.72 16.60 -23.08
C SER A 10 -3.33 16.94 -23.57
N LYS A 11 -2.60 17.68 -22.73
CA LYS A 11 -1.22 18.05 -23.05
C LYS A 11 -0.23 16.96 -22.59
N LEU A 12 -0.69 16.15 -21.65
CA LEU A 12 0.06 15.03 -21.08
C LEU A 12 0.45 13.95 -22.08
N ALA A 13 1.53 13.23 -21.80
CA ALA A 13 1.98 12.14 -22.65
C ALA A 13 0.91 11.05 -22.58
N LYS A 14 0.90 10.15 -23.56
CA LYS A 14 -0.10 9.09 -23.60
C LYS A 14 -0.05 8.15 -22.40
N PRO A 15 1.14 7.66 -22.03
CA PRO A 15 1.27 6.74 -20.87
C PRO A 15 0.65 7.30 -19.60
N ILE A 16 0.81 8.61 -19.41
CA ILE A 16 0.28 9.33 -18.23
C ILE A 16 -1.24 9.45 -18.28
N GLN A 17 -1.76 9.66 -19.49
CA GLN A 17 -3.19 9.74 -19.73
C GLN A 17 -3.77 8.39 -19.35
N ASP A 18 -3.21 7.31 -19.91
CA ASP A 18 -3.66 5.96 -19.59
C ASP A 18 -3.59 5.67 -18.08
N LEU A 19 -2.66 6.31 -17.39
CA LEU A 19 -2.49 6.13 -15.96
C LEU A 19 -3.63 6.81 -15.17
N ILE A 20 -3.91 8.07 -15.51
CA ILE A 20 -4.97 8.81 -14.86
C ILE A 20 -6.31 8.13 -15.10
N LYS A 21 -6.54 7.69 -16.33
CA LYS A 21 -7.79 7.02 -16.66
C LYS A 21 -7.93 5.76 -15.83
N MET A 22 -6.81 5.10 -15.60
CA MET A 22 -6.79 3.86 -14.83
C MET A 22 -6.98 4.02 -13.32
N ILE A 23 -6.37 5.06 -12.73
CA ILE A 23 -6.50 5.23 -11.29
C ILE A 23 -7.83 5.83 -10.88
N PHE A 24 -8.49 6.52 -11.80
CA PHE A 24 -9.79 7.14 -11.55
C PHE A 24 -10.99 6.37 -12.11
N ASP A 25 -10.78 5.11 -12.51
CA ASP A 25 -11.85 4.31 -13.07
C ASP A 25 -12.84 3.91 -12.02
N VAL A 26 -14.08 4.33 -12.18
CA VAL A 26 -15.13 4.04 -11.22
C VAL A 26 -15.43 2.55 -11.10
N GLU A 27 -15.38 1.84 -12.21
CA GLU A 27 -15.72 0.42 -12.21
C GLU A 27 -14.82 -0.39 -11.29
N SER A 28 -13.56 -0.01 -11.25
CA SER A 28 -12.59 -0.69 -10.38
C SER A 28 -12.89 -0.43 -8.90
N MET A 29 -13.32 0.78 -8.56
CA MET A 29 -13.67 1.11 -7.20
C MET A 29 -14.81 0.21 -6.70
N LYS A 30 -15.80 -0.01 -7.54
CA LYS A 30 -16.90 -0.87 -7.13
C LYS A 30 -16.43 -2.32 -7.04
N LYS A 31 -15.65 -2.76 -8.03
CA LYS A 31 -15.16 -4.13 -8.00
C LYS A 31 -14.46 -4.37 -6.65
N ALA A 32 -13.64 -3.42 -6.21
CA ALA A 32 -12.91 -3.55 -4.92
C ALA A 32 -13.89 -3.71 -3.77
N MET A 33 -14.90 -2.86 -3.71
CA MET A 33 -15.90 -2.90 -2.66
C MET A 33 -16.71 -4.17 -2.62
N VAL A 34 -16.94 -4.77 -3.77
CA VAL A 34 -17.69 -6.00 -3.87
C VAL A 34 -16.84 -7.18 -3.35
N GLU A 35 -15.54 -7.09 -3.59
CA GLU A 35 -14.59 -8.12 -3.15
C GLU A 35 -14.45 -8.09 -1.64
N PHE A 36 -14.65 -6.92 -1.05
CA PHE A 36 -14.59 -6.74 0.42
C PHE A 36 -15.93 -7.15 1.02
N GLU A 37 -16.87 -7.50 0.12
CA GLU A 37 -18.22 -7.94 0.43
C GLU A 37 -19.19 -6.89 0.88
N ILE A 38 -18.97 -5.64 0.47
CA ILE A 38 -19.87 -4.56 0.83
C ILE A 38 -21.11 -4.67 -0.04
N ASP A 39 -22.24 -4.24 0.52
CA ASP A 39 -23.52 -4.24 -0.19
C ASP A 39 -23.56 -2.91 -0.93
N LEU A 40 -23.36 -2.94 -2.23
CA LEU A 40 -23.37 -1.70 -3.01
C LEU A 40 -24.75 -1.09 -3.20
N GLN A 41 -25.79 -1.87 -2.93
CA GLN A 41 -27.14 -1.36 -3.07
C GLN A 41 -27.45 -0.47 -1.86
N LYS A 42 -27.13 -0.94 -0.67
CA LYS A 42 -27.34 -0.18 0.55
C LYS A 42 -26.20 0.82 0.79
N MET A 43 -25.01 0.53 0.25
CA MET A 43 -23.84 1.39 0.42
C MET A 43 -23.16 1.78 -0.90
N PRO A 44 -23.70 2.77 -1.59
CA PRO A 44 -23.12 3.22 -2.85
C PRO A 44 -21.80 3.96 -2.64
N LEU A 45 -21.03 4.08 -3.72
CA LEU A 45 -19.75 4.77 -3.67
C LEU A 45 -19.87 6.14 -3.00
N GLY A 46 -20.92 6.87 -3.34
CA GLY A 46 -21.12 8.20 -2.77
C GLY A 46 -21.60 8.35 -1.33
N LYS A 47 -21.80 7.24 -0.61
CA LYS A 47 -22.25 7.33 0.79
C LYS A 47 -21.06 7.33 1.75
N LEU A 48 -19.93 6.84 1.25
CA LEU A 48 -18.68 6.74 1.99
C LEU A 48 -18.20 8.08 2.55
N SER A 49 -17.96 8.11 3.86
CA SER A 49 -17.43 9.32 4.53
C SER A 49 -16.26 8.96 5.45
N LYS A 50 -15.37 9.93 5.71
CA LYS A 50 -14.23 9.71 6.60
C LYS A 50 -14.70 9.45 8.02
N ARG A 51 -15.73 10.18 8.45
CA ARG A 51 -16.29 10.02 9.78
C ARG A 51 -16.77 8.56 9.95
N GLN A 52 -17.47 8.06 8.94
CA GLN A 52 -18.00 6.70 8.91
C GLN A 52 -16.92 5.64 9.09
N ILE A 53 -15.81 5.81 8.40
CA ILE A 53 -14.68 4.89 8.45
C ILE A 53 -13.98 4.97 9.80
N GLN A 54 -13.93 6.17 10.38
CA GLN A 54 -13.33 6.37 11.69
C GLN A 54 -14.10 5.57 12.74
N SER A 55 -15.41 5.71 12.73
CA SER A 55 -16.26 4.99 13.67
C SER A 55 -16.13 3.47 13.50
N ALA A 56 -16.06 3.00 12.27
CA ALA A 56 -15.93 1.58 12.00
C ALA A 56 -14.63 1.05 12.60
N TYR A 57 -13.58 1.87 12.54
CA TYR A 57 -12.27 1.49 13.11
C TYR A 57 -12.42 1.33 14.61
N SER A 58 -13.09 2.31 15.24
CA SER A 58 -13.33 2.30 16.70
C SER A 58 -14.07 1.05 17.14
N ILE A 59 -15.06 0.66 16.33
CA ILE A 59 -15.85 -0.52 16.59
C ILE A 59 -14.98 -1.77 16.51
N LEU A 60 -14.18 -1.86 15.45
CA LEU A 60 -13.27 -3.00 15.31
C LEU A 60 -12.26 -3.06 16.44
N ASN A 61 -11.93 -1.90 16.99
CA ASN A 61 -10.96 -1.79 18.07
C ASN A 61 -11.52 -2.36 19.36
N GLU A 62 -12.74 -2.00 19.70
CA GLU A 62 -13.41 -2.53 20.88
C GLU A 62 -13.63 -4.04 20.79
N VAL A 63 -14.20 -4.51 19.68
CA VAL A 63 -14.47 -5.94 19.48
C VAL A 63 -13.21 -6.78 19.59
N GLN A 64 -12.10 -6.23 19.12
CA GLN A 64 -10.78 -6.87 19.20
C GLN A 64 -10.42 -6.99 20.69
N GLN A 65 -10.68 -5.93 21.46
CA GLN A 65 -10.41 -5.95 22.89
C GLN A 65 -11.26 -6.99 23.63
N ALA A 66 -12.55 -7.08 23.30
CA ALA A 66 -13.47 -8.03 23.91
C ALA A 66 -13.09 -9.49 23.62
N VAL A 67 -12.60 -9.77 22.41
CA VAL A 67 -12.23 -11.14 22.05
C VAL A 67 -11.02 -11.56 22.83
N SER A 68 -9.97 -10.74 22.80
CA SER A 68 -8.71 -11.00 23.52
C SER A 68 -8.89 -11.16 25.02
N ASP A 69 -9.64 -10.25 25.65
CA ASP A 69 -9.88 -10.27 27.08
C ASP A 69 -11.07 -11.05 27.63
N GLY A 70 -11.74 -11.82 26.77
CA GLY A 70 -12.90 -12.57 27.20
C GLY A 70 -14.09 -11.72 27.63
N GLY A 71 -14.50 -10.77 26.79
CA GLY A 71 -15.67 -9.93 27.10
C GLY A 71 -16.91 -10.77 26.81
N SER A 72 -18.07 -10.37 27.34
CA SER A 72 -19.31 -11.14 27.11
C SER A 72 -19.59 -11.37 25.65
N GLU A 73 -20.19 -12.52 25.33
CA GLU A 73 -20.56 -12.82 23.95
C GLU A 73 -21.63 -11.85 23.47
N SER A 74 -22.40 -11.31 24.41
CA SER A 74 -23.44 -10.35 24.09
C SER A 74 -22.76 -9.07 23.60
N GLN A 75 -21.60 -8.75 24.15
CA GLN A 75 -20.84 -7.56 23.78
C GLN A 75 -20.35 -7.65 22.33
N ILE A 76 -19.76 -8.79 22.00
CA ILE A 76 -19.24 -9.09 20.67
C ILE A 76 -20.36 -9.11 19.64
N LEU A 77 -21.54 -9.56 20.07
CA LEU A 77 -22.71 -9.62 19.21
C LEU A 77 -23.23 -8.22 18.91
N ASP A 78 -23.22 -7.38 19.94
CA ASP A 78 -23.70 -6.01 19.79
C ASP A 78 -22.76 -5.25 18.87
N LEU A 79 -21.47 -5.40 19.13
CA LEU A 79 -20.46 -4.74 18.31
C LEU A 79 -20.56 -5.16 16.85
N SER A 80 -20.73 -6.46 16.58
CA SER A 80 -20.88 -6.95 15.20
C SER A 80 -22.09 -6.30 14.49
N ASN A 81 -23.21 -6.21 15.20
CA ASN A 81 -24.41 -5.62 14.63
C ASN A 81 -24.20 -4.16 14.31
N ARG A 82 -23.47 -3.44 15.17
CA ARG A 82 -23.24 -2.04 14.91
C ARG A 82 -22.32 -1.85 13.71
N PHE A 83 -21.32 -2.72 13.58
CA PHE A 83 -20.37 -2.66 12.47
C PHE A 83 -21.05 -2.93 11.13
N TYR A 84 -21.88 -3.98 11.11
CA TYR A 84 -22.62 -4.35 9.91
C TYR A 84 -23.73 -3.36 9.51
N THR A 85 -24.14 -2.53 10.47
CA THR A 85 -25.15 -1.51 10.22
C THR A 85 -24.46 -0.22 9.76
N LEU A 86 -23.22 -0.05 10.17
CA LEU A 86 -22.45 1.10 9.77
C LEU A 86 -21.98 0.85 8.34
N ILE A 87 -21.42 -0.34 8.08
CA ILE A 87 -20.96 -0.74 6.74
C ILE A 87 -21.76 -1.98 6.32
N PRO A 88 -22.85 -1.78 5.54
CA PRO A 88 -23.69 -2.88 5.07
C PRO A 88 -22.95 -3.87 4.18
N HIS A 89 -23.01 -5.16 4.57
CA HIS A 89 -22.37 -6.26 3.84
C HIS A 89 -23.39 -7.10 3.16
N ASP A 90 -22.95 -7.87 2.18
CA ASP A 90 -23.80 -8.76 1.42
C ASP A 90 -23.12 -10.09 1.37
N PHE A 91 -23.63 -11.02 2.15
CA PHE A 91 -23.10 -12.36 2.23
C PHE A 91 -23.90 -13.35 1.39
N GLY A 92 -24.72 -12.84 0.48
CA GLY A 92 -25.52 -13.71 -0.35
C GLY A 92 -26.49 -14.55 0.46
N MET A 93 -26.48 -15.85 0.20
CA MET A 93 -27.36 -16.77 0.90
C MET A 93 -26.76 -17.37 2.16
N LYS A 94 -25.66 -16.79 2.64
CA LYS A 94 -25.08 -17.32 3.85
C LYS A 94 -25.31 -16.39 5.04
N LYS A 95 -25.22 -16.95 6.25
CA LYS A 95 -25.40 -16.16 7.45
C LYS A 95 -24.12 -15.33 7.64
N PRO A 96 -24.25 -14.06 8.08
CA PRO A 96 -23.15 -13.10 8.33
C PRO A 96 -22.26 -13.53 9.51
N PRO A 97 -20.96 -13.70 9.25
CA PRO A 97 -20.08 -14.11 10.34
C PRO A 97 -19.90 -13.03 11.40
N LEU A 98 -19.86 -13.45 12.67
CA LEU A 98 -19.66 -12.50 13.75
C LEU A 98 -18.19 -12.11 13.82
N LEU A 99 -17.93 -10.88 14.26
CA LEU A 99 -16.57 -10.38 14.42
C LEU A 99 -16.01 -10.99 15.71
N SER A 100 -15.87 -12.32 15.74
CA SER A 100 -15.39 -13.01 16.93
C SER A 100 -14.08 -13.76 16.71
N ASN A 101 -13.62 -13.74 15.48
CA ASN A 101 -12.39 -14.39 15.07
C ASN A 101 -11.34 -13.28 14.83
N LEU A 102 -10.21 -13.35 15.54
CA LEU A 102 -9.18 -12.33 15.36
C LEU A 102 -8.67 -12.19 13.93
N GLU A 103 -8.74 -13.23 13.10
CA GLU A 103 -8.25 -13.13 11.72
C GLU A 103 -9.22 -12.37 10.84
N TYR A 104 -10.52 -12.55 11.11
CA TYR A 104 -11.61 -11.90 10.38
C TYR A 104 -11.59 -10.40 10.69
N ILE A 105 -11.36 -10.06 11.96
CA ILE A 105 -11.26 -8.67 12.39
C ILE A 105 -10.09 -7.98 11.67
N GLN A 106 -8.96 -8.70 11.54
CA GLN A 106 -7.78 -8.18 10.84
C GLN A 106 -8.13 -7.99 9.38
N ALA A 107 -8.92 -8.90 8.81
CA ALA A 107 -9.35 -8.79 7.42
C ALA A 107 -10.17 -7.50 7.28
N LYS A 108 -11.03 -7.23 8.28
CA LYS A 108 -11.87 -6.05 8.26
C LYS A 108 -11.13 -4.73 8.46
N VAL A 109 -10.01 -4.76 9.18
CA VAL A 109 -9.21 -3.55 9.40
C VAL A 109 -8.55 -3.18 8.06
N GLN A 110 -8.15 -4.19 7.30
CA GLN A 110 -7.53 -4.00 6.00
C GLN A 110 -8.50 -3.38 5.00
N MET A 111 -9.77 -3.79 5.07
CA MET A 111 -10.83 -3.26 4.22
C MET A 111 -10.97 -1.75 4.45
N LEU A 112 -11.00 -1.34 5.72
CA LEU A 112 -11.09 0.07 6.06
C LEU A 112 -9.85 0.87 5.58
N ASP A 113 -8.66 0.25 5.58
CA ASP A 113 -7.46 0.95 5.08
C ASP A 113 -7.69 1.31 3.62
N ASN A 114 -8.21 0.36 2.85
CA ASN A 114 -8.51 0.57 1.43
C ASN A 114 -9.63 1.54 1.20
N LEU A 115 -10.71 1.43 1.99
CA LEU A 115 -11.85 2.34 1.84
C LEU A 115 -11.44 3.80 2.04
N LEU A 116 -10.41 4.03 2.86
CA LEU A 116 -9.91 5.39 3.10
C LEU A 116 -9.36 5.96 1.80
N ASP A 117 -8.67 5.13 1.04
CA ASP A 117 -8.12 5.62 -0.20
C ASP A 117 -9.18 5.69 -1.28
N ILE A 118 -10.12 4.76 -1.29
CA ILE A 118 -11.18 4.78 -2.31
C ILE A 118 -12.04 6.04 -2.11
N GLU A 119 -12.34 6.35 -0.86
CA GLU A 119 -13.13 7.54 -0.54
C GLU A 119 -12.44 8.79 -1.09
N VAL A 120 -11.11 8.86 -1.01
CA VAL A 120 -10.37 10.03 -1.52
C VAL A 120 -10.50 10.16 -3.05
N ALA A 121 -10.39 9.03 -3.73
CA ALA A 121 -10.48 8.98 -5.19
C ALA A 121 -11.81 9.46 -5.73
N TYR A 122 -12.90 9.07 -5.07
CA TYR A 122 -14.24 9.46 -5.50
C TYR A 122 -14.50 10.94 -5.22
N SER A 123 -14.04 11.41 -4.07
CA SER A 123 -14.23 12.81 -3.69
C SER A 123 -13.56 13.71 -4.70
N LEU A 124 -12.36 13.31 -5.11
CA LEU A 124 -11.59 14.07 -6.08
C LEU A 124 -12.28 14.04 -7.44
N LEU A 125 -12.78 12.87 -7.80
CA LEU A 125 -13.43 12.64 -9.07
C LEU A 125 -14.65 13.48 -9.33
N ARG A 126 -15.45 13.70 -8.30
CA ARG A 126 -16.69 14.49 -8.39
C ARG A 126 -16.44 15.96 -8.02
N GLY A 127 -15.17 16.31 -7.80
CA GLY A 127 -14.80 17.67 -7.44
C GLY A 127 -14.87 18.71 -8.54
N GLY A 128 -13.98 19.70 -8.47
CA GLY A 128 -13.96 20.79 -9.44
C GLY A 128 -13.67 20.37 -10.87
N ASN A 129 -14.72 19.94 -11.57
CA ASN A 129 -14.60 19.49 -12.96
C ASN A 129 -15.35 20.37 -13.94
N GLU A 130 -15.80 21.54 -13.49
CA GLU A 130 -16.58 22.43 -14.37
C GLU A 130 -15.80 23.11 -15.51
N ASP A 131 -14.49 23.29 -15.32
CA ASP A 131 -13.66 23.93 -16.33
C ASP A 131 -13.79 23.24 -17.70
N GLY A 132 -14.20 23.99 -18.72
CA GLY A 132 -14.33 23.43 -20.05
C GLY A 132 -13.09 23.67 -20.89
N ASP A 133 -12.26 24.63 -20.44
CA ASP A 133 -11.02 24.97 -21.13
C ASP A 133 -9.89 23.95 -20.91
N LYS A 134 -10.19 22.89 -20.15
CA LYS A 134 -9.21 21.81 -19.88
C LYS A 134 -9.85 20.47 -20.21
N ASP A 135 -9.03 19.48 -20.58
CA ASP A 135 -9.49 18.13 -20.88
C ASP A 135 -9.69 17.45 -19.53
N PRO A 136 -10.75 16.62 -19.39
CA PRO A 136 -11.02 15.93 -18.12
C PRO A 136 -9.78 15.25 -17.51
N ILE A 137 -8.98 14.62 -18.37
CA ILE A 137 -7.75 13.97 -17.93
C ILE A 137 -6.83 14.99 -17.28
N ASP A 138 -6.57 16.09 -18.00
CA ASP A 138 -5.70 17.15 -17.48
C ASP A 138 -6.24 17.67 -16.15
N ILE A 139 -7.55 17.78 -16.03
CA ILE A 139 -8.12 18.27 -14.79
C ILE A 139 -7.87 17.32 -13.63
N ASN A 140 -8.08 16.03 -13.86
CA ASN A 140 -7.87 15.03 -12.81
C ASN A 140 -6.41 14.84 -12.46
N TYR A 141 -5.52 15.05 -13.44
CA TYR A 141 -4.09 14.94 -13.21
C TYR A 141 -3.68 16.06 -12.25
N GLU A 142 -4.20 17.26 -12.47
CA GLU A 142 -3.87 18.38 -11.60
C GLU A 142 -4.36 18.21 -10.16
N LYS A 143 -5.44 17.45 -9.97
CA LYS A 143 -6.01 17.20 -8.64
C LYS A 143 -5.08 16.35 -7.78
N LEU A 144 -4.17 15.62 -8.44
CA LEU A 144 -3.22 14.77 -7.75
C LEU A 144 -2.08 15.59 -7.13
N ARG A 145 -1.85 16.80 -7.63
CA ARG A 145 -0.79 17.67 -7.12
C ARG A 145 0.56 16.94 -7.07
N THR A 146 0.77 16.10 -8.09
CA THR A 146 1.96 15.30 -8.21
C THR A 146 2.45 15.44 -9.63
N ASP A 147 3.71 15.84 -9.76
CA ASP A 147 4.30 15.98 -11.08
C ASP A 147 4.70 14.58 -11.53
N ILE A 148 4.20 14.14 -12.68
CA ILE A 148 4.52 12.81 -13.18
C ILE A 148 5.21 12.91 -14.53
N LYS A 149 6.32 12.19 -14.67
CA LYS A 149 7.11 12.20 -15.90
C LYS A 149 7.49 10.79 -16.31
N VAL A 150 7.61 10.55 -17.61
CA VAL A 150 7.97 9.23 -18.09
C VAL A 150 9.49 9.01 -18.11
N VAL A 151 9.94 7.97 -17.41
CA VAL A 151 11.36 7.67 -17.41
C VAL A 151 11.66 6.99 -18.74
N ASP A 152 12.74 7.43 -19.36
CA ASP A 152 13.18 6.90 -20.64
C ASP A 152 13.62 5.44 -20.49
N LYS A 153 12.95 4.58 -21.25
CA LYS A 153 13.17 3.15 -21.24
C LYS A 153 14.64 2.71 -21.39
N ASP A 154 15.43 3.47 -22.14
CA ASP A 154 16.81 3.10 -22.36
C ASP A 154 17.84 3.80 -21.50
N SER A 155 17.43 4.62 -20.54
CA SER A 155 18.41 5.30 -19.70
C SER A 155 18.90 4.44 -18.54
N GLU A 156 20.00 4.85 -17.91
CA GLU A 156 20.59 4.11 -16.79
C GLU A 156 19.62 3.95 -15.63
N GLU A 157 18.86 5.00 -15.39
CA GLU A 157 17.85 5.07 -14.33
C GLU A 157 16.87 3.91 -14.50
N ALA A 158 16.39 3.72 -15.73
CA ALA A 158 15.45 2.65 -16.05
C ALA A 158 16.09 1.27 -16.03
N LYS A 159 17.33 1.20 -16.52
CA LYS A 159 18.08 -0.06 -16.57
C LYS A 159 18.21 -0.63 -15.17
N ILE A 160 18.59 0.22 -14.22
CA ILE A 160 18.76 -0.21 -12.85
C ILE A 160 17.45 -0.72 -12.24
N ILE A 161 16.36 0.02 -12.46
CA ILE A 161 15.06 -0.37 -11.93
C ILE A 161 14.55 -1.70 -12.52
N LYS A 162 14.85 -1.96 -13.79
CA LYS A 162 14.45 -3.22 -14.41
C LYS A 162 15.26 -4.35 -13.82
N GLN A 163 16.52 -4.07 -13.51
CA GLN A 163 17.44 -5.05 -12.90
C GLN A 163 16.92 -5.40 -11.50
N TYR A 164 16.42 -4.38 -10.79
CA TYR A 164 15.86 -4.52 -9.45
C TYR A 164 14.61 -5.40 -9.50
N VAL A 165 13.78 -5.18 -10.53
CA VAL A 165 12.55 -5.96 -10.69
C VAL A 165 12.86 -7.43 -11.00
N LYS A 166 13.69 -7.65 -12.02
CA LYS A 166 14.06 -9.00 -12.42
C LYS A 166 14.76 -9.81 -11.31
N ASN A 167 15.91 -9.34 -10.86
CA ASN A 167 16.69 -10.03 -9.84
C ASN A 167 16.00 -10.33 -8.51
N THR A 168 15.06 -9.49 -8.06
CA THR A 168 14.38 -9.74 -6.78
C THR A 168 13.00 -10.38 -6.85
N HIS A 169 12.74 -11.18 -7.88
CA HIS A 169 11.46 -11.86 -8.02
C HIS A 169 11.60 -13.27 -7.40
N ALA A 170 11.24 -13.36 -6.12
CA ALA A 170 11.32 -14.58 -5.30
C ALA A 170 10.85 -15.92 -5.90
N ALA A 171 11.49 -17.00 -5.44
CA ALA A 171 11.24 -18.38 -5.88
C ALA A 171 9.84 -18.96 -5.63
N THR A 172 9.29 -18.71 -4.44
CA THR A 172 7.96 -19.21 -4.08
C THR A 172 6.80 -18.39 -4.71
N HIS A 173 7.12 -17.20 -5.20
CA HIS A 173 6.15 -16.30 -5.83
C HIS A 173 6.17 -16.42 -7.34
N ASN A 174 6.82 -17.47 -7.84
CA ASN A 174 6.91 -17.69 -9.29
C ASN A 174 5.73 -18.49 -9.84
N ALA A 175 4.56 -17.90 -9.58
CA ALA A 175 3.25 -18.37 -10.01
C ALA A 175 2.86 -17.36 -11.12
N TYR A 176 3.80 -16.46 -11.45
CA TYR A 176 3.65 -15.42 -12.46
C TYR A 176 4.98 -14.72 -12.75
N ASP A 177 5.08 -14.17 -13.96
CA ASP A 177 6.26 -13.41 -14.36
C ASP A 177 5.88 -11.97 -14.16
N LEU A 178 6.81 -11.07 -14.45
CA LEU A 178 6.59 -9.64 -14.27
C LEU A 178 7.25 -8.87 -15.39
N LYS A 179 6.47 -8.05 -16.08
CA LYS A 179 7.05 -7.23 -17.13
C LYS A 179 6.78 -5.79 -16.79
N VAL A 180 7.83 -4.98 -16.82
CA VAL A 180 7.70 -3.56 -16.52
C VAL A 180 7.15 -2.91 -17.78
N VAL A 181 5.88 -2.51 -17.75
CA VAL A 181 5.22 -1.86 -18.88
C VAL A 181 5.60 -0.39 -19.04
N GLU A 182 5.81 0.30 -17.93
CA GLU A 182 6.15 1.72 -17.94
C GLU A 182 6.68 2.19 -16.57
N ILE A 183 7.62 3.14 -16.59
CA ILE A 183 8.21 3.67 -15.37
C ILE A 183 7.99 5.18 -15.34
N PHE A 184 7.49 5.67 -14.20
CA PHE A 184 7.22 7.11 -14.02
C PHE A 184 8.00 7.69 -12.85
N ARG A 185 8.58 8.86 -13.08
CA ARG A 185 9.32 9.60 -12.05
C ARG A 185 8.24 10.54 -11.46
N ILE A 186 7.88 10.32 -10.19
CA ILE A 186 6.86 11.13 -9.53
C ILE A 186 7.45 12.00 -8.43
N GLU A 187 6.89 13.20 -8.29
CA GLU A 187 7.34 14.14 -7.28
C GLU A 187 6.14 14.86 -6.65
N ARG A 188 5.67 14.36 -5.50
CA ARG A 188 4.53 14.95 -4.79
C ARG A 188 4.83 16.32 -4.24
N GLU A 189 3.84 17.21 -4.36
CA GLU A 189 3.96 18.58 -3.88
C GLU A 189 4.36 18.66 -2.42
N GLY A 190 5.42 19.40 -2.16
CA GLY A 190 5.95 19.60 -0.82
C GLY A 190 6.52 18.41 -0.07
N GLU A 191 6.65 17.25 -0.71
CA GLU A 191 7.16 16.04 -0.04
C GLU A 191 8.66 16.05 0.13
N SER A 192 9.38 16.57 -0.86
CA SER A 192 10.85 16.66 -0.75
C SER A 192 11.23 17.53 0.45
N GLN A 193 10.38 18.52 0.76
CA GLN A 193 10.62 19.45 1.85
C GLN A 193 10.38 18.81 3.22
N ARG A 194 9.32 18.05 3.36
CA ARG A 194 9.05 17.42 4.65
C ARG A 194 10.00 16.26 4.94
N TYR A 195 10.66 15.78 3.90
CA TYR A 195 11.62 14.71 4.04
C TYR A 195 13.05 15.24 4.25
N LYS A 196 13.28 16.52 4.01
CA LYS A 196 14.62 17.07 4.14
C LYS A 196 15.38 16.72 5.39
N PRO A 197 14.77 16.79 6.58
CA PRO A 197 15.47 16.46 7.82
C PRO A 197 16.06 15.05 7.89
N PHE A 198 15.51 14.14 7.10
CA PHE A 198 15.93 12.74 7.06
C PHE A 198 17.07 12.40 6.13
N LYS A 199 17.54 13.37 5.36
CA LYS A 199 18.67 13.12 4.47
C LYS A 199 19.90 13.00 5.36
N GLN A 200 19.75 13.43 6.63
CA GLN A 200 20.81 13.36 7.63
C GLN A 200 21.00 11.93 8.16
N LEU A 201 20.01 11.07 7.97
CA LEU A 201 20.12 9.67 8.41
C LEU A 201 20.92 8.78 7.47
N HIS A 202 21.47 7.73 8.02
CA HIS A 202 22.24 6.78 7.23
C HIS A 202 21.28 5.63 6.89
N ASN A 203 21.72 4.73 6.03
CA ASN A 203 20.92 3.57 5.67
C ASN A 203 19.60 4.01 5.04
N ARG A 204 19.71 4.84 4.01
CA ARG A 204 18.54 5.28 3.27
C ARG A 204 18.50 4.33 2.09
N GLN A 205 17.39 3.62 1.92
CA GLN A 205 17.28 2.67 0.82
C GLN A 205 16.08 2.93 -0.11
N LEU A 206 16.14 2.33 -1.30
CA LEU A 206 15.08 2.45 -2.31
C LEU A 206 14.26 1.17 -2.22
N LEU A 207 13.16 1.24 -1.48
CA LEU A 207 12.29 0.06 -1.28
C LEU A 207 10.98 0.06 -2.06
N TRP A 208 10.31 -1.10 -2.05
CA TRP A 208 9.06 -1.29 -2.76
C TRP A 208 7.80 -1.19 -1.90
N HIS A 209 6.70 -0.78 -2.54
CA HIS A 209 5.39 -0.69 -1.89
C HIS A 209 4.29 -0.98 -2.91
N GLY A 210 3.59 -2.09 -2.74
CA GLY A 210 2.51 -2.44 -3.66
C GLY A 210 1.16 -2.19 -3.03
N SER A 211 0.17 -1.91 -3.86
CA SER A 211 -1.19 -1.62 -3.41
C SER A 211 -2.16 -1.77 -4.58
N ARG A 212 -3.47 -1.78 -4.30
CA ARG A 212 -4.46 -1.89 -5.38
C ARG A 212 -4.47 -0.61 -6.17
N THR A 213 -4.78 -0.69 -7.46
CA THR A 213 -4.81 0.52 -8.28
C THR A 213 -5.82 1.53 -7.73
N THR A 214 -6.85 1.03 -7.06
CA THR A 214 -7.87 1.90 -6.50
C THR A 214 -7.38 2.78 -5.34
N ASN A 215 -6.16 2.53 -4.87
CA ASN A 215 -5.62 3.31 -3.76
C ASN A 215 -4.72 4.44 -4.21
N PHE A 216 -4.34 4.42 -5.48
CA PHE A 216 -3.42 5.40 -6.01
C PHE A 216 -3.78 6.85 -6.13
N ALA A 217 -5.06 7.18 -6.27
CA ALA A 217 -5.43 8.58 -6.32
C ALA A 217 -5.16 9.09 -4.89
N GLY A 218 -5.45 8.21 -3.92
CA GLY A 218 -5.23 8.54 -2.51
C GLY A 218 -3.76 8.64 -2.16
N ILE A 219 -2.97 7.65 -2.57
CA ILE A 219 -1.55 7.64 -2.29
C ILE A 219 -0.85 8.86 -2.91
N LEU A 220 -1.15 9.16 -4.18
CA LEU A 220 -0.52 10.31 -4.82
C LEU A 220 -0.94 11.66 -4.22
N SER A 221 -2.21 11.85 -3.89
CA SER A 221 -2.62 13.14 -3.34
C SER A 221 -2.31 13.36 -1.86
N GLN A 222 -2.44 12.32 -1.05
CA GLN A 222 -2.17 12.42 0.38
C GLN A 222 -0.83 11.83 0.77
N GLY A 223 -0.23 11.06 -0.14
CA GLY A 223 1.05 10.41 0.13
C GLY A 223 0.77 9.15 0.92
N LEU A 224 1.78 8.31 1.14
CA LEU A 224 1.54 7.10 1.94
C LEU A 224 1.33 7.59 3.36
N ARG A 225 0.52 6.90 4.15
CA ARG A 225 0.28 7.32 5.53
C ARG A 225 0.01 6.21 6.53
N ILE A 226 0.21 6.50 7.82
CA ILE A 226 -0.03 5.51 8.86
C ILE A 226 -1.52 5.48 9.22
N ALA A 227 -2.01 4.32 9.68
CA ALA A 227 -3.43 4.19 10.03
C ALA A 227 -3.82 5.18 11.13
N PRO A 228 -5.08 5.68 11.12
CA PRO A 228 -5.56 6.63 12.10
C PRO A 228 -5.54 6.12 13.54
N PRO A 229 -5.68 7.04 14.51
CA PRO A 229 -5.67 6.73 15.93
C PRO A 229 -6.67 5.68 16.36
N GLU A 230 -7.80 5.63 15.66
CA GLU A 230 -8.87 4.69 15.97
C GLU A 230 -8.58 3.22 15.67
N ALA A 231 -7.75 2.98 14.65
CA ALA A 231 -7.41 1.62 14.24
C ALA A 231 -6.70 0.84 15.34
N PRO A 232 -7.03 -0.45 15.50
CA PRO A 232 -6.35 -1.24 16.54
C PRO A 232 -4.89 -1.51 16.13
N VAL A 233 -3.98 -1.46 17.09
CA VAL A 233 -2.59 -1.72 16.77
C VAL A 233 -2.44 -3.15 16.27
N THR A 234 -3.28 -4.02 16.81
CA THR A 234 -3.31 -5.44 16.48
C THR A 234 -3.57 -5.75 15.01
N GLY A 235 -4.28 -4.85 14.34
CA GLY A 235 -4.61 -5.05 12.94
C GLY A 235 -3.41 -5.09 12.03
N TYR A 236 -2.23 -4.79 12.59
CA TYR A 236 -1.00 -4.76 11.82
C TYR A 236 0.12 -5.57 12.45
N MET A 237 0.89 -6.25 11.59
CA MET A 237 1.99 -7.10 12.05
C MET A 237 3.02 -6.44 12.93
N PHE A 238 3.53 -5.28 12.53
CA PHE A 238 4.53 -4.56 13.33
C PHE A 238 4.03 -3.22 13.79
N GLY A 239 2.73 -3.14 14.06
CA GLY A 239 2.13 -1.90 14.52
C GLY A 239 1.71 -0.96 13.40
N LYS A 240 1.30 0.24 13.78
CA LYS A 240 0.84 1.25 12.84
C LYS A 240 1.92 2.12 12.19
N GLY A 241 2.55 1.59 11.14
CA GLY A 241 3.57 2.34 10.43
C GLY A 241 3.35 2.24 8.93
N ILE A 242 4.41 2.43 8.15
CA ILE A 242 4.34 2.33 6.70
C ILE A 242 5.24 1.18 6.28
N TYR A 243 4.71 0.22 5.54
CA TYR A 243 5.46 -0.97 5.15
C TYR A 243 6.07 -0.95 3.77
N PHE A 244 7.25 -1.55 3.67
CA PHE A 244 8.02 -1.66 2.44
C PHE A 244 8.67 -3.04 2.38
N ALA A 245 9.24 -3.37 1.23
CA ALA A 245 9.89 -4.65 1.03
C ALA A 245 11.08 -4.46 0.12
N ASP A 246 11.99 -5.43 0.09
CA ASP A 246 13.16 -5.35 -0.78
C ASP A 246 13.11 -6.35 -1.94
N MET A 247 12.12 -7.24 -1.88
CA MET A 247 11.87 -8.23 -2.92
C MET A 247 10.59 -7.75 -3.67
N VAL A 248 10.69 -7.48 -4.97
CA VAL A 248 9.52 -7.03 -5.75
C VAL A 248 8.36 -8.03 -5.60
N SER A 249 8.72 -9.29 -5.46
CA SER A 249 7.81 -10.39 -5.27
C SER A 249 6.81 -10.12 -4.15
N LYS A 250 7.33 -9.82 -2.95
CA LYS A 250 6.49 -9.56 -1.77
C LYS A 250 5.49 -8.42 -1.91
N SER A 251 5.96 -7.28 -2.41
CA SER A 251 5.10 -6.14 -2.58
C SER A 251 4.07 -6.42 -3.67
N ALA A 252 4.55 -6.97 -4.78
CA ALA A 252 3.70 -7.30 -5.92
C ALA A 252 2.41 -8.02 -5.53
N ASN A 253 2.45 -8.78 -4.45
CA ASN A 253 1.29 -9.52 -3.99
C ASN A 253 0.19 -8.66 -3.41
N TYR A 254 0.54 -7.43 -3.02
CA TYR A 254 -0.44 -6.52 -2.46
C TYR A 254 -1.17 -5.74 -3.54
N CYS A 255 -0.76 -5.97 -4.80
CA CYS A 255 -1.39 -5.31 -5.94
C CYS A 255 -2.76 -5.93 -6.21
N HIS A 256 -2.94 -7.17 -5.76
CA HIS A 256 -4.19 -7.89 -5.95
C HIS A 256 -4.64 -7.99 -7.40
N THR A 257 -3.69 -8.34 -8.28
CA THR A 257 -3.97 -8.50 -9.71
C THR A 257 -4.39 -9.96 -9.92
N SER A 258 -4.75 -10.32 -11.15
CA SER A 258 -5.18 -11.69 -11.45
C SER A 258 -5.11 -11.95 -12.94
N GLN A 259 -5.49 -13.15 -13.34
CA GLN A 259 -5.46 -13.50 -14.76
C GLN A 259 -6.38 -12.55 -15.54
N ALA A 260 -7.54 -12.27 -14.96
CA ALA A 260 -8.53 -11.38 -15.53
C ALA A 260 -8.19 -9.88 -15.43
N ASP A 261 -7.36 -9.50 -14.46
CA ASP A 261 -6.94 -8.10 -14.29
C ASP A 261 -5.44 -8.16 -13.98
N PRO A 262 -4.61 -8.20 -15.02
CA PRO A 262 -3.15 -8.29 -14.93
C PRO A 262 -2.25 -7.06 -14.78
N ILE A 263 -2.75 -5.84 -14.95
CA ILE A 263 -1.88 -4.69 -14.79
C ILE A 263 -1.95 -4.17 -13.34
N GLY A 264 -0.78 -4.07 -12.71
CA GLY A 264 -0.72 -3.54 -11.36
C GLY A 264 0.21 -2.34 -11.29
N LEU A 265 0.07 -1.51 -10.26
CA LEU A 265 0.94 -0.37 -10.07
C LEU A 265 1.77 -0.65 -8.81
N ILE A 266 2.99 -0.14 -8.79
CA ILE A 266 3.88 -0.39 -7.65
C ILE A 266 4.85 0.79 -7.52
N LEU A 267 5.04 1.23 -6.29
CA LEU A 267 5.89 2.37 -5.98
C LEU A 267 7.30 1.99 -5.55
N LEU A 268 8.21 2.93 -5.74
CA LEU A 268 9.59 2.79 -5.32
C LEU A 268 9.84 4.05 -4.51
N GLY A 269 9.97 3.90 -3.19
CA GLY A 269 10.20 5.08 -2.39
C GLY A 269 11.53 5.04 -1.68
N GLU A 270 12.11 6.22 -1.46
CA GLU A 270 13.36 6.32 -0.74
C GLU A 270 12.96 6.34 0.72
N VAL A 271 13.47 5.41 1.51
CA VAL A 271 13.10 5.39 2.92
C VAL A 271 14.28 5.48 3.87
N ALA A 272 14.21 6.51 4.73
CA ALA A 272 15.23 6.81 5.74
C ALA A 272 15.12 5.87 6.93
N LEU A 273 15.80 4.73 6.81
CA LEU A 273 15.80 3.69 7.82
C LEU A 273 16.65 3.92 9.07
N GLY A 274 17.86 4.44 8.89
CA GLY A 274 18.73 4.68 10.03
C GLY A 274 19.08 3.38 10.76
N ASN A 275 19.05 3.38 12.09
CA ASN A 275 19.35 2.17 12.85
C ASN A 275 18.06 1.36 12.98
N MET A 276 18.04 0.19 12.37
CA MET A 276 16.88 -0.70 12.39
C MET A 276 16.76 -1.61 13.62
N TYR A 277 15.53 -1.74 14.12
CA TYR A 277 15.21 -2.59 15.27
C TYR A 277 14.81 -3.94 14.66
N GLU A 278 15.76 -4.88 14.58
CA GLU A 278 15.51 -6.20 13.97
C GLU A 278 14.68 -7.19 14.77
N LEU A 279 13.60 -7.67 14.15
CA LEU A 279 12.68 -8.63 14.77
C LEU A 279 12.53 -9.89 13.94
N LYS A 280 12.38 -11.04 14.61
CA LYS A 280 12.24 -12.31 13.90
C LYS A 280 10.79 -12.80 13.90
N ASN A 281 9.97 -12.11 14.69
CA ASN A 281 8.56 -12.44 14.86
C ASN A 281 7.74 -11.16 14.96
N ALA A 282 6.43 -11.28 14.73
CA ALA A 282 5.51 -10.14 14.79
C ALA A 282 5.63 -9.45 16.14
N SER A 283 5.23 -8.19 16.19
CA SER A 283 5.32 -7.42 17.42
C SER A 283 4.50 -6.17 17.28
N HIS A 284 3.51 -6.01 18.14
CA HIS A 284 2.63 -4.85 18.07
C HIS A 284 3.21 -3.61 18.71
N ILE A 285 4.27 -3.14 18.05
CA ILE A 285 5.05 -1.98 18.41
C ILE A 285 4.27 -0.67 18.54
N THR A 286 4.49 0.00 19.67
CA THR A 286 3.86 1.27 20.00
C THR A 286 4.97 2.31 20.11
N LYS A 287 5.99 1.93 20.87
CA LYS A 287 7.16 2.76 21.11
C LYS A 287 8.36 2.18 20.36
N LEU A 288 9.24 3.05 19.87
CA LEU A 288 10.43 2.61 19.19
C LEU A 288 11.56 2.82 20.19
N PRO A 289 12.44 1.80 20.37
CA PRO A 289 13.57 1.87 21.30
C PRO A 289 14.55 3.00 20.98
N LYS A 290 15.04 3.68 22.01
CA LYS A 290 15.97 4.79 21.85
C LYS A 290 17.09 4.39 20.93
N GLY A 291 17.35 5.25 19.95
CA GLY A 291 18.41 5.00 19.00
C GLY A 291 17.96 4.23 17.78
N LYS A 292 16.69 3.84 17.73
CA LYS A 292 16.18 3.12 16.58
C LYS A 292 15.29 4.04 15.76
N HIS A 293 15.38 3.93 14.43
CA HIS A 293 14.59 4.78 13.53
C HIS A 293 13.50 4.04 12.71
N SER A 294 13.54 2.72 12.72
CA SER A 294 12.57 1.92 11.99
C SER A 294 12.65 0.48 12.49
N VAL A 295 11.74 -0.37 11.98
CA VAL A 295 11.70 -1.80 12.30
C VAL A 295 12.04 -2.60 11.06
N LYS A 296 12.65 -3.76 11.24
CA LYS A 296 12.99 -4.63 10.13
C LYS A 296 12.66 -6.06 10.49
N GLY A 297 11.66 -6.62 9.81
CA GLY A 297 11.31 -8.02 10.03
C GLY A 297 12.30 -8.79 9.18
N LEU A 298 13.00 -9.74 9.79
CA LEU A 298 14.01 -10.53 9.07
C LEU A 298 13.38 -11.71 8.33
N GLY A 299 13.82 -11.95 7.10
CA GLY A 299 13.28 -13.04 6.33
C GLY A 299 14.34 -14.06 6.02
N LYS A 300 13.90 -15.19 5.49
CA LYS A 300 14.78 -16.30 5.11
C LYS A 300 15.47 -16.03 3.77
N THR A 301 14.93 -15.08 3.01
CA THR A 301 15.49 -14.70 1.71
C THR A 301 15.57 -13.18 1.62
N ALA A 302 16.65 -12.69 1.02
CA ALA A 302 16.87 -11.26 0.84
C ALA A 302 17.84 -11.08 -0.31
N PRO A 303 17.83 -9.91 -0.96
CA PRO A 303 18.77 -9.71 -2.08
C PRO A 303 20.20 -9.89 -1.58
N ASP A 304 21.07 -10.31 -2.50
CA ASP A 304 22.48 -10.53 -2.22
C ASP A 304 23.13 -9.21 -1.91
N PRO A 305 23.65 -9.04 -0.68
CA PRO A 305 24.31 -7.80 -0.25
C PRO A 305 25.55 -7.42 -1.06
N THR A 306 26.06 -8.39 -1.81
CA THR A 306 27.23 -8.20 -2.67
C THR A 306 26.90 -7.23 -3.82
N ALA A 307 25.72 -7.44 -4.40
CA ALA A 307 25.22 -6.68 -5.55
C ALA A 307 24.60 -5.29 -5.32
N THR A 308 24.50 -4.86 -4.07
CA THR A 308 23.91 -3.58 -3.74
C THR A 308 24.55 -2.39 -4.49
N THR A 309 23.73 -1.57 -5.15
CA THR A 309 24.20 -0.38 -5.87
C THR A 309 23.61 0.86 -5.22
N THR A 310 23.90 1.99 -5.84
CA THR A 310 23.45 3.30 -5.40
C THR A 310 22.80 4.03 -6.55
N LEU A 311 21.82 4.85 -6.24
CA LEU A 311 21.12 5.64 -7.24
C LEU A 311 20.89 6.96 -6.52
N ASP A 312 21.67 7.97 -6.87
CA ASP A 312 21.58 9.30 -6.25
C ASP A 312 21.84 9.21 -4.73
N GLY A 313 22.87 8.44 -4.37
CA GLY A 313 23.27 8.27 -2.98
C GLY A 313 22.35 7.43 -2.13
N VAL A 314 21.45 6.68 -2.77
CA VAL A 314 20.49 5.84 -2.07
C VAL A 314 20.79 4.38 -2.38
N GLU A 315 20.83 3.55 -1.36
CA GLU A 315 21.15 2.15 -1.58
C GLU A 315 20.02 1.41 -2.29
N VAL A 316 20.38 0.63 -3.31
CA VAL A 316 19.41 -0.14 -4.09
C VAL A 316 19.80 -1.61 -3.99
N PRO A 317 19.05 -2.43 -3.22
CA PRO A 317 19.31 -3.87 -3.02
C PRO A 317 18.86 -4.72 -4.22
N LEU A 318 19.47 -4.48 -5.38
CA LEU A 318 19.09 -5.22 -6.58
C LEU A 318 19.73 -6.59 -6.76
N GLY A 319 20.36 -7.09 -5.68
CA GLY A 319 20.97 -8.41 -5.71
C GLY A 319 19.96 -9.53 -5.87
N ASN A 320 20.42 -10.70 -6.33
CA ASN A 320 19.54 -11.84 -6.52
C ASN A 320 19.11 -12.42 -5.18
N GLY A 321 17.94 -13.06 -5.15
CA GLY A 321 17.41 -13.62 -3.91
C GLY A 321 18.24 -14.72 -3.31
N ILE A 322 19.04 -14.37 -2.32
CA ILE A 322 19.92 -15.31 -1.62
C ILE A 322 19.30 -15.67 -0.28
N SER A 323 19.60 -16.85 0.24
CA SER A 323 19.06 -17.23 1.54
C SER A 323 19.96 -16.69 2.64
N THR A 324 19.35 -16.01 3.61
CA THR A 324 20.09 -15.44 4.74
C THR A 324 20.37 -16.53 5.78
N GLY A 325 21.39 -16.31 6.60
CA GLY A 325 21.76 -17.31 7.60
C GLY A 325 20.76 -17.54 8.73
N ILE A 326 19.80 -16.62 8.86
CA ILE A 326 18.82 -16.73 9.93
C ILE A 326 17.72 -17.77 9.65
N ASN A 327 17.55 -18.67 10.61
CA ASN A 327 16.60 -19.77 10.51
C ASN A 327 15.41 -19.70 11.48
N ASP A 328 15.61 -19.08 12.63
CA ASP A 328 14.57 -18.95 13.66
C ASP A 328 13.57 -17.81 13.45
N THR A 329 13.40 -17.44 12.19
CA THR A 329 12.49 -16.36 11.82
C THR A 329 11.17 -16.87 11.24
N CYS A 330 10.10 -16.12 11.49
CA CYS A 330 8.77 -16.47 11.00
C CYS A 330 8.52 -15.98 9.56
N LEU A 331 9.22 -14.92 9.16
CA LEU A 331 9.07 -14.32 7.84
C LEU A 331 9.92 -14.96 6.73
N LEU A 332 9.36 -15.00 5.52
CA LEU A 332 10.04 -15.57 4.35
C LEU A 332 10.89 -14.51 3.72
N TYR A 333 10.40 -13.27 3.81
CA TYR A 333 11.05 -12.09 3.23
C TYR A 333 11.10 -10.97 4.27
N ASN A 334 12.00 -10.01 4.05
CA ASN A 334 12.16 -8.86 4.95
C ASN A 334 10.99 -7.89 4.80
N GLU A 335 10.72 -7.14 5.86
CA GLU A 335 9.66 -6.13 5.86
C GLU A 335 10.27 -4.95 6.54
N TYR A 336 10.05 -3.74 6.01
CA TYR A 336 10.59 -2.56 6.63
C TYR A 336 9.45 -1.63 6.98
N ILE A 337 9.46 -1.15 8.22
CA ILE A 337 8.43 -0.28 8.71
C ILE A 337 9.00 0.98 9.36
N VAL A 338 8.52 2.13 8.90
CA VAL A 338 8.89 3.43 9.45
C VAL A 338 7.61 3.92 10.15
N TYR A 339 7.77 4.69 11.23
CA TYR A 339 6.60 5.15 11.98
C TYR A 339 6.35 6.63 11.90
N ASP A 340 6.96 7.27 10.91
CA ASP A 340 6.79 8.70 10.71
C ASP A 340 6.55 8.90 9.22
N VAL A 341 5.44 9.54 8.90
CA VAL A 341 5.07 9.80 7.53
C VAL A 341 6.15 10.61 6.74
N ALA A 342 7.07 11.27 7.44
CA ALA A 342 8.15 12.04 6.79
C ALA A 342 9.44 11.24 6.50
N GLN A 343 9.50 9.99 6.95
CA GLN A 343 10.67 9.18 6.72
C GLN A 343 10.69 8.55 5.34
N VAL A 344 9.74 8.94 4.49
CA VAL A 344 9.68 8.41 3.13
C VAL A 344 9.45 9.51 2.09
N ASN A 345 10.08 9.33 0.94
CA ASN A 345 9.98 10.25 -0.17
C ASN A 345 9.80 9.37 -1.44
N LEU A 346 8.60 9.39 -2.03
CA LEU A 346 8.33 8.57 -3.21
C LEU A 346 9.12 9.03 -4.43
N LYS A 347 9.66 8.06 -5.18
CA LYS A 347 10.47 8.35 -6.36
C LYS A 347 9.91 7.88 -7.70
N TYR A 348 9.60 6.60 -7.81
CA TYR A 348 9.08 6.05 -9.06
C TYR A 348 7.78 5.29 -8.88
N LEU A 349 6.99 5.23 -9.95
CA LEU A 349 5.73 4.49 -9.96
C LEU A 349 5.92 3.63 -11.18
N LEU A 350 5.82 2.31 -11.03
CA LEU A 350 5.95 1.42 -12.17
C LEU A 350 4.60 0.80 -12.54
N LYS A 351 4.39 0.62 -13.84
CA LYS A 351 3.19 0.00 -14.35
C LYS A 351 3.69 -1.39 -14.66
N LEU A 352 3.17 -2.38 -13.94
CA LEU A 352 3.60 -3.76 -14.14
C LEU A 352 2.55 -4.63 -14.79
N LYS A 353 3.00 -5.58 -15.61
CA LYS A 353 2.13 -6.54 -16.28
C LYS A 353 2.48 -7.93 -15.74
N PHE A 354 1.54 -8.52 -15.00
CA PHE A 354 1.67 -9.85 -14.38
C PHE A 354 1.31 -10.93 -15.38
N ASN A 355 2.29 -11.67 -15.88
CA ASN A 355 1.96 -12.74 -16.81
C ASN A 355 1.78 -14.02 -16.00
N TYR A 356 0.53 -14.45 -15.85
CA TYR A 356 0.26 -15.68 -15.08
C TYR A 356 0.50 -16.97 -15.85
N LYS A 357 1.14 -17.91 -15.14
CA LYS A 357 1.50 -19.22 -15.66
C LYS A 357 0.24 -20.08 -15.81
N THR A 358 -0.07 -20.43 -17.06
CA THR A 358 -1.25 -21.23 -17.39
C THR A 358 -0.90 -22.48 -18.17
#